data_6XX9
#
_entry.id   6XX9
#
_cell.length_a   53.41
_cell.length_b   62.22
_cell.length_c   62.08
_cell.angle_alpha   90.0
_cell.angle_beta   106.75
_cell.angle_gamma   90.0
#
_symmetry.space_group_name_H-M   'P 1 21 1'
#
loop_
_entity.id
_entity.type
_entity.pdbx_description
1 polymer 'Casein kinase II subunit alpha-1'
2 non-polymer 2-AMINO-2-HYDROXYMETHYL-PROPANE-1,3-DIOL
3 non-polymer 'SULFATE ION'
4 water water
#
_entity_poly.entity_id   1
_entity_poly.type   'polypeptide(L)'
_entity_poly.pdbx_seq_one_letter_code
;MMSKARVYTEVNVIRPKDYWDYESLIVQWGEQDDYEVVRKVGRGKYSEVFEGINVNSKEKCIIKILKPVKKKKIRREIKI
LQNLCGGPNIVKLLDVVRDQHSKTPSLIFEYVNSTDFKVLYPTLTDYDIRYYIYELLKALDFCHSQGIMHRDVKPHNVMI
DHELRKLRLIDWGLAEFYHPGKEYNVRVASRYFKGPELLVDLQDYDYSLDMWSLGCMFAGMIFRKEPFFYGHDNQDQLVK
IAKVLGTDELNAYLNKYQLELDPQLEALVGRHSRKPWSKFINADNQHLVSPEAIDFLDKLLRYDHQDRLTAKEAMAHAYF
AQVRAAETSRMRSQLEHHHHHH
;
_entity_poly.pdbx_strand_id   A
#
loop_
_chem_comp.id
_chem_comp.type
_chem_comp.name
_chem_comp.formula
SO4 non-polymer 'SULFATE ION' 'O4 S -2'
TRS non-polymer 2-AMINO-2-HYDROXYMETHYL-PROPANE-1,3-DIOL 'C4 H12 N O3 1'
#
# COMPACT_ATOMS: atom_id res chain seq x y z
N MET A 1 -21.20 -17.61 0.47
CA MET A 1 -20.63 -17.06 1.69
C MET A 1 -19.63 -15.96 1.33
N MET A 2 -19.72 -14.82 2.00
CA MET A 2 -18.82 -13.72 1.68
C MET A 2 -17.42 -13.98 2.24
N SER A 3 -16.40 -13.47 1.56
CA SER A 3 -15.03 -13.61 2.03
C SER A 3 -14.81 -12.72 3.24
N LYS A 4 -13.99 -13.17 4.18
CA LYS A 4 -13.62 -12.34 5.31
C LYS A 4 -12.12 -12.41 5.60
N ALA A 5 -11.58 -11.32 6.15
CA ALA A 5 -10.19 -11.27 6.60
C ALA A 5 -9.87 -12.39 7.58
N ARG A 6 -8.72 -13.03 7.39
CA ARG A 6 -8.17 -14.05 8.31
C ARG A 6 -7.76 -13.45 9.65
N VAL A 7 -7.47 -12.15 9.64
CA VAL A 7 -6.97 -11.47 10.83
C VAL A 7 -7.67 -10.12 10.98
N TYR A 8 -7.71 -9.62 12.20
CA TYR A 8 -8.25 -8.29 12.48
C TYR A 8 -9.68 -8.15 11.95
N THR A 9 -10.39 -9.27 11.95
CA THR A 9 -11.71 -9.34 11.33
C THR A 9 -12.70 -8.40 12.02
N GLU A 10 -12.67 -8.39 13.35
CA GLU A 10 -13.72 -7.76 14.15
C GLU A 10 -13.33 -6.44 14.80
N VAL A 11 -12.20 -5.87 14.40
CA VAL A 11 -11.65 -4.65 15.00
CA VAL A 11 -11.69 -4.68 15.10
C VAL A 11 -12.67 -3.51 15.06
N ASN A 12 -13.34 -3.29 13.93
CA ASN A 12 -14.27 -2.17 13.84
C ASN A 12 -15.65 -2.48 14.43
N VAL A 13 -15.91 -3.75 14.69
CA VAL A 13 -17.19 -4.12 15.30
C VAL A 13 -17.23 -3.71 16.79
N ILE A 14 -16.11 -3.86 17.46
CA ILE A 14 -16.03 -3.59 18.89
C ILE A 14 -15.64 -2.14 19.20
N ARG A 15 -15.28 -1.38 18.18
CA ARG A 15 -15.06 0.05 18.34
C ARG A 15 -16.36 0.79 18.42
N PRO A 16 -16.36 1.95 19.10
CA PRO A 16 -17.50 2.86 19.02
C PRO A 16 -17.71 3.31 17.58
N LYS A 17 -18.95 3.61 17.20
CA LYS A 17 -19.26 4.02 15.84
C LYS A 17 -18.44 5.25 15.42
N ASP A 18 -18.05 6.07 16.40
CA ASP A 18 -17.32 7.30 16.10
CA ASP A 18 -17.32 7.29 16.11
C ASP A 18 -15.96 7.00 15.47
N TYR A 19 -15.40 5.85 15.79
CA TYR A 19 -14.08 5.48 15.28
C TYR A 19 -14.09 5.28 13.75
N TRP A 20 -15.08 4.57 13.23
CA TRP A 20 -15.08 4.25 11.79
C TRP A 20 -16.10 5.06 10.97
N ASP A 21 -17.04 5.71 11.64
CA ASP A 21 -18.04 6.53 10.94
C ASP A 21 -17.45 7.88 10.53
N TYR A 22 -16.46 7.84 9.64
CA TYR A 22 -15.75 9.05 9.23
C TYR A 22 -16.67 10.10 8.64
N GLU A 23 -17.78 9.67 8.04
CA GLU A 23 -18.67 10.59 7.36
C GLU A 23 -19.29 11.61 8.31
N SER A 24 -19.30 11.28 9.60
CA SER A 24 -19.86 12.16 10.63
C SER A 24 -18.80 12.97 11.36
N LEU A 25 -17.55 12.89 10.91
CA LEU A 25 -16.44 13.58 11.57
C LEU A 25 -16.59 15.09 11.55
N ILE A 26 -16.54 15.70 12.72
CA ILE A 26 -16.47 17.16 12.83
C ILE A 26 -15.01 17.59 12.87
N VAL A 27 -14.52 18.09 11.74
CA VAL A 27 -13.13 18.51 11.63
C VAL A 27 -12.84 19.76 12.45
N GLN A 28 -11.80 19.70 13.27
CA GLN A 28 -11.37 20.85 14.06
C GLN A 28 -10.20 21.53 13.35
N TRP A 29 -10.51 22.51 12.52
CA TRP A 29 -9.51 23.17 11.70
C TRP A 29 -8.58 24.05 12.53
N GLY A 30 -7.32 24.12 12.10
CA GLY A 30 -6.41 25.11 12.64
C GLY A 30 -6.60 26.39 11.85
N GLU A 31 -5.52 27.14 11.67
CA GLU A 31 -5.57 28.32 10.81
C GLU A 31 -4.40 28.31 9.83
N GLN A 32 -4.67 28.66 8.57
CA GLN A 32 -3.68 28.57 7.51
C GLN A 32 -2.45 29.44 7.79
N ASP A 33 -2.65 30.54 8.52
CA ASP A 33 -1.58 31.49 8.79
C ASP A 33 -0.47 30.88 9.65
N ASP A 34 -0.74 29.72 10.26
CA ASP A 34 0.25 29.05 11.10
C ASP A 34 1.34 28.36 10.27
N TYR A 35 1.04 28.10 9.00
CA TYR A 35 1.98 27.35 8.16
C TYR A 35 2.24 28.07 6.84
N GLU A 36 3.47 27.93 6.34
CA GLU A 36 3.86 28.64 5.14
C GLU A 36 4.56 27.73 4.14
N VAL A 37 4.24 27.90 2.86
CA VAL A 37 4.84 27.12 1.79
C VAL A 37 6.24 27.64 1.44
N VAL A 38 7.20 26.72 1.35
CA VAL A 38 8.57 27.08 1.00
C VAL A 38 8.88 26.72 -0.46
N ARG A 39 8.82 25.44 -0.76
CA ARG A 39 9.12 24.95 -2.11
C ARG A 39 8.16 23.84 -2.50
N LYS A 40 7.79 23.80 -3.78
CA LYS A 40 6.95 22.72 -4.28
C LYS A 40 7.74 21.41 -4.27
N VAL A 41 7.12 20.35 -3.79
CA VAL A 41 7.79 19.06 -3.68
C VAL A 41 7.35 18.09 -4.76
N GLY A 42 6.06 18.13 -5.12
CA GLY A 42 5.54 17.23 -6.12
C GLY A 42 4.12 17.52 -6.56
N ARG A 43 3.67 16.81 -7.59
CA ARG A 43 2.32 16.95 -8.11
C ARG A 43 1.53 15.66 -7.90
N GLY A 44 0.22 15.80 -7.72
CA GLY A 44 -0.64 14.64 -7.51
C GLY A 44 -1.98 14.78 -8.21
N LYS A 45 -2.70 13.67 -8.32
CA LYS A 45 -3.99 13.66 -8.99
C LYS A 45 -5.05 14.40 -8.18
N TYR A 46 -4.94 14.33 -6.86
CA TYR A 46 -5.93 14.95 -5.97
C TYR A 46 -5.37 16.17 -5.23
N SER A 47 -4.06 16.39 -5.31
CA SER A 47 -3.44 17.44 -4.52
C SER A 47 -2.03 17.83 -4.97
N GLU A 48 -1.60 19.02 -4.52
CA GLU A 48 -0.24 19.50 -4.75
CA GLU A 48 -0.25 19.49 -4.75
C GLU A 48 0.56 19.43 -3.44
N VAL A 49 1.78 18.92 -3.52
CA VAL A 49 2.60 18.77 -2.33
C VAL A 49 3.69 19.83 -2.22
N PHE A 50 3.83 20.41 -1.03
CA PHE A 50 4.82 21.44 -0.78
C PHE A 50 5.63 21.16 0.47
N GLU A 51 6.92 21.47 0.42
CA GLU A 51 7.75 21.52 1.61
C GLU A 51 7.51 22.88 2.25
N GLY A 52 7.08 22.90 3.51
CA GLY A 52 6.66 24.14 4.14
C GLY A 52 7.24 24.37 5.51
N ILE A 53 6.82 25.46 6.15
CA ILE A 53 7.29 25.78 7.49
C ILE A 53 6.15 26.24 8.40
N ASN A 54 6.23 25.84 9.66
CA ASN A 54 5.39 26.40 10.70
C ASN A 54 5.94 27.77 11.06
N VAL A 55 5.21 28.83 10.69
CA VAL A 55 5.68 30.19 10.91
C VAL A 55 5.95 30.46 12.38
N ASN A 56 5.00 30.10 13.25
CA ASN A 56 5.12 30.35 14.67
C ASN A 56 6.04 29.36 15.38
N SER A 57 7.08 28.90 14.69
CA SER A 57 8.07 28.00 15.29
C SER A 57 9.21 27.66 14.36
N LYS A 58 9.13 28.11 13.11
CA LYS A 58 10.16 27.82 12.12
C LYS A 58 10.35 26.30 11.94
N GLU A 59 9.29 25.55 12.20
CA GLU A 59 9.34 24.09 12.08
C GLU A 59 8.91 23.65 10.69
N LYS A 60 9.70 22.78 10.07
CA LYS A 60 9.47 22.37 8.69
C LYS A 60 8.48 21.21 8.59
N CYS A 61 7.59 21.31 7.62
CA CYS A 61 6.50 20.35 7.46
C CYS A 61 6.23 20.03 5.99
N ILE A 62 5.39 19.04 5.75
CA ILE A 62 4.86 18.80 4.42
C ILE A 62 3.43 19.32 4.36
N ILE A 63 3.15 20.13 3.35
CA ILE A 63 1.83 20.70 3.16
C ILE A 63 1.18 20.10 1.92
N LYS A 64 0.05 19.42 2.12
CA LYS A 64 -0.68 18.79 1.04
C LYS A 64 -1.99 19.55 0.79
N ILE A 65 -2.02 20.32 -0.28
CA ILE A 65 -3.20 21.10 -0.63
C ILE A 65 -4.20 20.28 -1.43
N LEU A 66 -5.19 19.71 -0.75
CA LEU A 66 -6.19 18.86 -1.41
C LEU A 66 -6.98 19.64 -2.46
N LYS A 67 -6.92 19.16 -3.69
CA LYS A 67 -7.69 19.74 -4.79
C LYS A 67 -9.18 19.45 -4.60
N PRO A 68 -10.01 19.69 -5.63
CA PRO A 68 -11.43 19.32 -5.57
C PRO A 68 -11.66 17.94 -4.96
N VAL A 69 -12.60 17.86 -4.03
CA VAL A 69 -12.83 16.64 -3.27
C VAL A 69 -14.15 16.71 -2.50
N LYS A 70 -14.82 15.57 -2.35
CA LYS A 70 -16.09 15.51 -1.64
C LYS A 70 -15.89 15.57 -0.12
N LYS A 71 -16.89 16.09 0.58
CA LYS A 71 -16.85 16.18 2.03
C LYS A 71 -16.63 14.80 2.66
N LYS A 72 -17.25 13.79 2.08
CA LYS A 72 -17.14 12.43 2.59
C LYS A 72 -15.71 11.89 2.45
N LYS A 73 -15.07 12.19 1.31
CA LYS A 73 -13.72 11.68 1.03
C LYS A 73 -12.64 12.38 1.85
N ILE A 74 -12.78 13.69 2.03
CA ILE A 74 -11.83 14.45 2.85
C ILE A 74 -11.85 13.94 4.29
N ARG A 75 -13.05 13.79 4.83
CA ARG A 75 -13.21 13.28 6.20
C ARG A 75 -12.68 11.86 6.35
N ARG A 76 -12.78 11.05 5.30
CA ARG A 76 -12.26 9.68 5.39
C ARG A 76 -10.74 9.69 5.60
N GLU A 77 -10.02 10.49 4.80
CA GLU A 77 -8.57 10.55 4.93
C GLU A 77 -8.15 11.18 6.26
N ILE A 78 -8.79 12.29 6.63
CA ILE A 78 -8.48 12.93 7.91
C ILE A 78 -8.76 12.01 9.10
N LYS A 79 -9.93 11.36 9.10
CA LYS A 79 -10.29 10.47 10.20
C LYS A 79 -9.30 9.31 10.31
N ILE A 80 -8.92 8.73 9.18
CA ILE A 80 -7.97 7.62 9.17
C ILE A 80 -6.57 8.06 9.63
N LEU A 81 -6.09 9.20 9.14
CA LEU A 81 -4.81 9.76 9.59
C LEU A 81 -4.81 10.00 11.11
N GLN A 82 -5.91 10.53 11.62
CA GLN A 82 -6.04 10.76 13.07
C GLN A 82 -6.08 9.47 13.85
N ASN A 83 -6.78 8.46 13.32
CA ASN A 83 -6.89 7.17 13.97
C ASN A 83 -5.55 6.46 14.09
N LEU A 84 -4.69 6.66 13.09
CA LEU A 84 -3.40 5.97 12.98
C LEU A 84 -2.21 6.78 13.53
N CYS A 85 -2.46 8.04 13.82
CA CYS A 85 -1.40 8.96 14.24
C CYS A 85 -0.62 8.44 15.45
N GLY A 86 0.65 8.10 15.23
CA GLY A 86 1.49 7.61 16.30
C GLY A 86 2.04 6.21 16.06
N GLY A 87 1.37 5.46 15.20
CA GLY A 87 1.79 4.10 14.87
C GLY A 87 3.12 4.08 14.15
N PRO A 88 3.81 2.93 14.19
CA PRO A 88 5.14 2.78 13.56
C PRO A 88 5.13 3.03 12.05
N ASN A 89 6.02 3.92 11.62
CA ASN A 89 6.27 4.24 10.22
C ASN A 89 5.03 4.76 9.48
N ILE A 90 4.04 5.22 10.23
CA ILE A 90 2.89 5.90 9.62
C ILE A 90 3.16 7.40 9.56
N VAL A 91 2.95 8.02 8.41
CA VAL A 91 3.11 9.47 8.32
C VAL A 91 2.21 10.13 9.35
N LYS A 92 2.69 11.22 9.93
CA LYS A 92 2.01 11.83 11.05
C LYS A 92 1.32 13.13 10.61
N LEU A 93 0.00 13.15 10.76
CA LEU A 93 -0.79 14.34 10.49
C LEU A 93 -0.66 15.31 11.65
N LEU A 94 -0.19 16.52 11.37
CA LEU A 94 0.02 17.51 12.40
C LEU A 94 -1.19 18.43 12.53
N ASP A 95 -1.78 18.80 11.40
CA ASP A 95 -2.83 19.82 11.42
C ASP A 95 -3.70 19.80 10.18
N VAL A 96 -4.89 20.39 10.30
CA VAL A 96 -5.80 20.50 9.17
C VAL A 96 -6.37 21.91 9.07
N VAL A 97 -6.05 22.60 7.97
CA VAL A 97 -6.49 23.97 7.77
C VAL A 97 -7.32 24.10 6.49
N ARG A 98 -7.84 25.29 6.22
CA ARG A 98 -8.74 25.46 5.08
C ARG A 98 -8.97 26.91 4.66
N ASP A 99 -9.12 27.11 3.35
CA ASP A 99 -9.52 28.38 2.78
C ASP A 99 -10.51 28.12 1.64
N GLN A 100 -11.59 27.42 1.96
CA GLN A 100 -12.58 26.99 0.97
N THR A 104 -9.77 24.02 -1.35
CA THR A 104 -10.48 24.05 -0.08
C THR A 104 -9.54 23.79 1.10
N PRO A 105 -9.44 22.53 1.53
CA PRO A 105 -8.66 22.09 2.69
C PRO A 105 -7.15 22.16 2.47
N SER A 106 -6.41 21.50 3.37
CA SER A 106 -4.95 21.43 3.31
C SER A 106 -4.45 20.61 4.49
N LEU A 107 -3.73 19.54 4.21
CA LEU A 107 -3.22 18.67 5.27
C LEU A 107 -1.76 18.96 5.59
N ILE A 108 -1.45 19.13 6.88
CA ILE A 108 -0.07 19.37 7.30
C ILE A 108 0.54 18.12 7.95
N PHE A 109 1.67 17.67 7.40
CA PHE A 109 2.35 16.48 7.90
C PHE A 109 3.75 16.78 8.40
N GLU A 110 4.35 15.81 9.11
CA GLU A 110 5.75 15.92 9.50
C GLU A 110 6.62 15.81 8.25
N TYR A 111 7.78 16.44 8.29
CA TYR A 111 8.67 16.46 7.12
C TYR A 111 9.55 15.22 7.04
N VAL A 112 9.71 14.70 5.82
CA VAL A 112 10.63 13.60 5.59
C VAL A 112 11.46 13.86 4.33
N ASN A 113 12.77 13.85 4.49
CA ASN A 113 13.68 14.07 3.37
C ASN A 113 13.81 12.81 2.50
N SER A 114 12.88 12.65 1.57
CA SER A 114 12.79 11.42 0.77
C SER A 114 13.65 11.42 -0.50
N THR A 115 14.21 10.26 -0.82
CA THR A 115 14.86 10.05 -2.11
C THR A 115 13.93 9.24 -3.01
N ASP A 116 13.80 9.65 -4.27
CA ASP A 116 12.90 8.97 -5.20
C ASP A 116 13.33 7.54 -5.48
N PHE A 117 12.35 6.64 -5.51
CA PHE A 117 12.63 5.21 -5.65
C PHE A 117 13.33 4.89 -6.96
N LYS A 118 13.10 5.69 -8.00
CA LYS A 118 13.74 5.46 -9.29
C LYS A 118 15.25 5.72 -9.20
N VAL A 119 15.66 6.54 -8.25
CA VAL A 119 17.08 6.75 -8.01
C VAL A 119 17.60 5.77 -6.96
N LEU A 120 16.79 5.54 -5.93
CA LEU A 120 17.20 4.76 -4.76
C LEU A 120 17.29 3.25 -5.00
N TYR A 121 16.22 2.69 -5.57
CA TYR A 121 16.09 1.23 -5.67
C TYR A 121 17.24 0.57 -6.45
N PRO A 122 17.67 1.19 -7.56
CA PRO A 122 18.79 0.63 -8.32
C PRO A 122 20.09 0.55 -7.51
N THR A 123 20.17 1.31 -6.42
CA THR A 123 21.37 1.33 -5.58
C THR A 123 21.18 0.52 -4.30
N LEU A 124 19.95 0.14 -4.01
CA LEU A 124 19.65 -0.62 -2.81
C LEU A 124 20.41 -1.95 -2.78
N THR A 125 20.99 -2.27 -1.64
CA THR A 125 21.65 -3.57 -1.47
C THR A 125 20.65 -4.62 -0.99
N ASP A 126 21.08 -5.88 -1.02
CA ASP A 126 20.26 -6.99 -0.57
C ASP A 126 19.73 -6.72 0.84
N TYR A 127 20.58 -6.14 1.69
CA TYR A 127 20.18 -5.86 3.07
C TYR A 127 19.24 -4.66 3.18
N ASP A 128 19.47 -3.64 2.36
CA ASP A 128 18.58 -2.47 2.33
C ASP A 128 17.14 -2.89 2.03
N ILE A 129 16.97 -3.79 1.06
CA ILE A 129 15.64 -4.24 0.67
C ILE A 129 14.97 -4.98 1.83
N ARG A 130 15.69 -5.91 2.45
CA ARG A 130 15.17 -6.63 3.62
C ARG A 130 14.81 -5.65 4.73
N TYR A 131 15.66 -4.66 4.95
CA TYR A 131 15.41 -3.65 5.97
C TYR A 131 14.16 -2.80 5.68
N TYR A 132 14.07 -2.24 4.48
CA TYR A 132 12.98 -1.31 4.18
C TYR A 132 11.63 -2.00 4.03
N ILE A 133 11.62 -3.20 3.46
CA ILE A 133 10.39 -3.97 3.39
C ILE A 133 9.91 -4.29 4.81
N TYR A 134 10.83 -4.65 5.71
CA TYR A 134 10.46 -4.92 7.10
C TYR A 134 9.83 -3.67 7.75
N GLU A 135 10.45 -2.50 7.55
CA GLU A 135 9.87 -1.26 8.06
C GLU A 135 8.46 -1.03 7.50
N LEU A 136 8.29 -1.26 6.21
CA LEU A 136 6.99 -1.08 5.58
C LEU A 136 5.97 -2.06 6.20
N LEU A 137 6.39 -3.29 6.47
CA LEU A 137 5.49 -4.26 7.08
C LEU A 137 5.03 -3.83 8.47
N LYS A 138 5.87 -3.10 9.19
CA LYS A 138 5.49 -2.58 10.50
C LYS A 138 4.28 -1.68 10.35
N ALA A 139 4.34 -0.80 9.36
CA ALA A 139 3.26 0.12 9.08
C ALA A 139 1.97 -0.64 8.72
N LEU A 140 2.10 -1.61 7.82
CA LEU A 140 0.95 -2.38 7.38
C LEU A 140 0.32 -3.18 8.51
N ASP A 141 1.14 -3.84 9.33
CA ASP A 141 0.56 -4.59 10.45
C ASP A 141 -0.18 -3.66 11.40
N PHE A 142 0.36 -2.46 11.61
CA PHE A 142 -0.29 -1.52 12.51
C PHE A 142 -1.62 -1.03 11.97
N CYS A 143 -1.65 -0.56 10.73
CA CYS A 143 -2.90 0.01 10.22
C CYS A 143 -3.93 -1.11 10.03
N HIS A 144 -3.49 -2.31 9.70
CA HIS A 144 -4.43 -3.44 9.62
C HIS A 144 -5.00 -3.76 11.01
N SER A 145 -4.15 -3.74 12.03
CA SER A 145 -4.59 -4.04 13.40
C SER A 145 -5.52 -2.96 13.91
N GLN A 146 -5.49 -1.80 13.29
CA GLN A 146 -6.42 -0.72 13.61
C GLN A 146 -7.64 -0.74 12.68
N GLY A 147 -7.83 -1.84 11.94
CA GLY A 147 -9.00 -2.01 11.10
C GLY A 147 -9.02 -1.20 9.82
N ILE A 148 -7.84 -0.92 9.26
CA ILE A 148 -7.74 -0.06 8.11
C ILE A 148 -6.86 -0.68 7.03
N MET A 149 -7.33 -0.64 5.80
CA MET A 149 -6.53 -1.09 4.68
C MET A 149 -6.09 0.15 3.91
N HIS A 150 -4.82 0.19 3.53
CA HIS A 150 -4.26 1.36 2.85
C HIS A 150 -4.75 1.48 1.41
N ARG A 151 -4.73 0.36 0.70
CA ARG A 151 -5.28 0.27 -0.67
C ARG A 151 -4.57 1.15 -1.71
N ASP A 152 -3.32 1.55 -1.45
CA ASP A 152 -2.55 2.20 -2.50
C ASP A 152 -1.06 2.08 -2.21
N VAL A 153 -0.66 0.87 -1.84
CA VAL A 153 0.74 0.61 -1.54
C VAL A 153 1.51 0.55 -2.85
N LYS A 154 2.59 1.32 -2.92
CA LYS A 154 3.44 1.43 -4.10
C LYS A 154 4.61 2.33 -3.74
N PRO A 155 5.72 2.24 -4.51
CA PRO A 155 6.94 2.99 -4.21
C PRO A 155 6.70 4.47 -3.95
N HIS A 156 5.87 5.08 -4.78
CA HIS A 156 5.58 6.51 -4.68
C HIS A 156 4.99 6.92 -3.32
N ASN A 157 4.27 5.99 -2.68
CA ASN A 157 3.68 6.27 -1.37
C ASN A 157 4.50 5.73 -0.19
N VAL A 158 5.73 5.33 -0.47
CA VAL A 158 6.63 4.90 0.60
C VAL A 158 7.81 5.88 0.62
N MET A 159 7.76 6.83 1.54
CA MET A 159 8.82 7.83 1.64
CA MET A 159 8.82 7.84 1.66
C MET A 159 10.00 7.29 2.45
N ILE A 160 11.16 7.24 1.81
CA ILE A 160 12.37 6.71 2.45
C ILE A 160 13.48 7.75 2.56
N ASP A 161 13.88 8.08 3.78
CA ASP A 161 15.09 8.89 4.01
C ASP A 161 16.27 7.95 4.18
N HIS A 162 17.07 7.80 3.12
CA HIS A 162 18.11 6.79 3.08
C HIS A 162 19.29 7.03 4.02
N GLU A 163 19.56 8.27 4.39
CA GLU A 163 20.64 8.52 5.32
C GLU A 163 20.17 8.32 6.76
N LEU A 164 18.95 8.74 7.06
CA LEU A 164 18.38 8.48 8.37
C LEU A 164 17.83 7.06 8.43
N ARG A 165 17.67 6.46 7.24
CA ARG A 165 17.11 5.12 7.10
C ARG A 165 15.74 5.03 7.79
N LYS A 166 15.00 6.12 7.69
CA LYS A 166 13.57 6.16 8.09
C LYS A 166 12.69 5.80 6.91
N LEU A 167 11.53 5.21 7.20
CA LEU A 167 10.52 4.94 6.19
C LEU A 167 9.15 5.39 6.69
N ARG A 168 8.37 6.02 5.82
CA ARG A 168 7.02 6.44 6.17
C ARG A 168 6.02 6.04 5.09
N LEU A 169 4.91 5.44 5.50
CA LEU A 169 3.82 5.10 4.58
C LEU A 169 2.90 6.30 4.47
N ILE A 170 2.77 6.85 3.27
CA ILE A 170 2.00 8.08 3.10
C ILE A 170 0.79 7.93 2.17
N ASP A 171 0.11 9.05 1.96
CA ASP A 171 -1.08 9.16 1.11
CA ASP A 171 -1.06 9.14 1.09
C ASP A 171 -2.14 8.11 1.41
N TRP A 172 -2.95 8.42 2.42
CA TRP A 172 -4.02 7.56 2.89
C TRP A 172 -5.36 7.94 2.25
N GLY A 173 -5.29 8.62 1.12
CA GLY A 173 -6.47 9.12 0.41
C GLY A 173 -7.38 8.03 -0.14
N LEU A 174 -6.84 6.82 -0.29
CA LEU A 174 -7.64 5.71 -0.81
C LEU A 174 -7.92 4.65 0.25
N ALA A 175 -7.44 4.90 1.48
CA ALA A 175 -7.59 3.92 2.55
C ALA A 175 -9.06 3.81 2.96
N GLU A 176 -9.43 2.67 3.52
CA GLU A 176 -10.78 2.45 4.02
C GLU A 176 -10.77 1.61 5.28
N PHE A 177 -11.88 1.66 6.02
CA PHE A 177 -12.07 0.84 7.19
C PHE A 177 -12.52 -0.55 6.76
N TYR A 178 -11.98 -1.59 7.38
CA TYR A 178 -12.40 -2.93 7.05
C TYR A 178 -13.59 -3.34 7.91
N HIS A 179 -14.68 -3.70 7.24
CA HIS A 179 -15.89 -4.20 7.85
C HIS A 179 -16.19 -5.56 7.23
N PRO A 180 -16.18 -6.62 8.05
CA PRO A 180 -16.36 -7.95 7.49
C PRO A 180 -17.72 -8.06 6.80
N GLY A 181 -17.70 -8.51 5.55
CA GLY A 181 -18.91 -8.69 4.77
C GLY A 181 -19.22 -7.52 3.85
N LYS A 182 -18.39 -6.48 3.89
CA LYS A 182 -18.67 -5.30 3.08
C LYS A 182 -18.11 -5.45 1.67
N GLU A 183 -18.85 -4.96 0.69
CA GLU A 183 -18.37 -4.90 -0.69
C GLU A 183 -17.75 -3.55 -1.00
N TYR A 184 -16.48 -3.56 -1.35
CA TYR A 184 -15.76 -2.31 -1.61
C TYR A 184 -15.67 -2.01 -3.09
N ASN A 185 -15.32 -0.76 -3.39
CA ASN A 185 -14.99 -0.35 -4.74
C ASN A 185 -13.70 -1.03 -5.23
N VAL A 186 -13.69 -1.52 -6.47
CA VAL A 186 -12.46 -2.14 -6.97
C VAL A 186 -11.55 -1.11 -7.65
N ARG A 187 -12.06 0.10 -7.86
CA ARG A 187 -11.26 1.13 -8.49
C ARG A 187 -10.42 1.82 -7.42
N VAL A 188 -9.50 1.05 -6.84
CA VAL A 188 -8.56 1.57 -5.86
C VAL A 188 -7.15 1.12 -6.24
N ALA A 189 -6.17 1.52 -5.43
CA ALA A 189 -4.77 1.25 -5.72
C ALA A 189 -4.34 1.86 -7.05
N SER A 190 -3.10 1.60 -7.43
CA SER A 190 -2.60 2.09 -8.72
C SER A 190 -2.34 0.91 -9.64
N ARG A 191 -2.60 1.08 -10.94
CA ARG A 191 -2.69 -0.04 -11.89
C ARG A 191 -1.73 -1.20 -11.65
N TYR A 192 -0.42 -0.91 -11.64
CA TYR A 192 0.62 -1.93 -11.53
C TYR A 192 0.60 -2.71 -10.24
N PHE A 193 -0.06 -2.16 -9.24
CA PHE A 193 -0.06 -2.73 -7.90
C PHE A 193 -1.44 -3.27 -7.51
N LYS A 194 -2.39 -3.21 -8.44
CA LYS A 194 -3.73 -3.75 -8.21
C LYS A 194 -3.73 -5.27 -8.04
N GLY A 195 -4.34 -5.74 -6.95
CA GLY A 195 -4.47 -7.17 -6.74
C GLY A 195 -5.49 -7.79 -7.67
N PRO A 196 -5.38 -9.10 -7.91
CA PRO A 196 -6.30 -9.80 -8.81
C PRO A 196 -7.75 -9.56 -8.43
N GLU A 197 -8.03 -9.40 -7.14
CA GLU A 197 -9.40 -9.20 -6.68
C GLU A 197 -10.03 -7.96 -7.33
N LEU A 198 -9.24 -6.90 -7.51
CA LEU A 198 -9.76 -5.68 -8.13
C LEU A 198 -9.95 -5.85 -9.64
N LEU A 199 -9.29 -6.84 -10.22
CA LEU A 199 -9.29 -7.05 -11.67
C LEU A 199 -10.34 -8.05 -12.12
N VAL A 200 -10.83 -8.85 -11.17
CA VAL A 200 -11.89 -9.81 -11.45
C VAL A 200 -13.21 -9.45 -10.75
N ASP A 201 -13.26 -8.25 -10.18
CA ASP A 201 -14.48 -7.74 -9.56
C ASP A 201 -14.89 -8.52 -8.30
N LEU A 202 -13.88 -8.92 -7.52
CA LEU A 202 -14.13 -9.45 -6.20
C LEU A 202 -14.15 -8.30 -5.20
N GLN A 203 -15.35 -7.91 -4.77
CA GLN A 203 -15.50 -6.69 -3.97
C GLN A 203 -15.34 -6.90 -2.46
N ASP A 204 -15.52 -8.12 -1.99
CA ASP A 204 -15.43 -8.36 -0.56
C ASP A 204 -13.99 -8.73 -0.19
N TYR A 205 -13.06 -7.84 -0.55
CA TYR A 205 -11.64 -8.04 -0.26
C TYR A 205 -11.29 -7.42 1.09
N ASP A 206 -10.01 -7.47 1.47
CA ASP A 206 -9.60 -7.04 2.81
C ASP A 206 -8.13 -6.59 2.86
N TYR A 207 -7.58 -6.55 4.07
CA TYR A 207 -6.18 -6.12 4.29
C TYR A 207 -5.21 -6.77 3.30
N SER A 208 -5.51 -8.00 2.92
CA SER A 208 -4.62 -8.80 2.10
C SER A 208 -4.32 -8.13 0.76
N LEU A 209 -5.22 -7.23 0.34
CA LEU A 209 -4.98 -6.44 -0.86
C LEU A 209 -3.64 -5.70 -0.76
N ASP A 210 -3.33 -5.18 0.42
CA ASP A 210 -2.09 -4.43 0.60
C ASP A 210 -0.87 -5.36 0.46
N MET A 211 -1.05 -6.63 0.79
CA MET A 211 0.06 -7.58 0.73
C MET A 211 0.40 -7.97 -0.72
N TRP A 212 -0.61 -7.96 -1.59
CA TRP A 212 -0.32 -8.13 -3.02
C TRP A 212 0.48 -6.94 -3.53
N SER A 213 0.02 -5.73 -3.22
CA SER A 213 0.72 -4.52 -3.63
C SER A 213 2.18 -4.56 -3.17
N LEU A 214 2.39 -4.97 -1.91
CA LEU A 214 3.74 -5.12 -1.36
C LEU A 214 4.56 -6.09 -2.20
N GLY A 215 3.97 -7.23 -2.53
CA GLY A 215 4.63 -8.23 -3.34
C GLY A 215 5.07 -7.71 -4.69
N CYS A 216 4.24 -6.86 -5.30
CA CYS A 216 4.57 -6.22 -6.58
C CYS A 216 5.78 -5.31 -6.42
N MET A 217 5.76 -4.52 -5.35
CA MET A 217 6.90 -3.66 -5.02
C MET A 217 8.16 -4.49 -4.80
N PHE A 218 8.00 -5.55 -4.01
CA PHE A 218 9.13 -6.40 -3.65
C PHE A 218 9.75 -7.06 -4.88
N ALA A 219 8.91 -7.59 -5.78
CA ALA A 219 9.41 -8.21 -7.00
C ALA A 219 10.17 -7.21 -7.85
N GLY A 220 9.64 -6.00 -7.96
CA GLY A 220 10.28 -4.94 -8.72
C GLY A 220 11.68 -4.62 -8.20
N MET A 221 11.84 -4.64 -6.89
CA MET A 221 13.12 -4.30 -6.26
C MET A 221 14.16 -5.38 -6.46
N ILE A 222 13.85 -6.62 -6.08
CA ILE A 222 14.85 -7.68 -6.15
C ILE A 222 15.17 -8.11 -7.60
N PHE A 223 14.21 -7.96 -8.51
CA PHE A 223 14.48 -8.32 -9.91
C PHE A 223 14.90 -7.13 -10.76
N ARG A 224 14.94 -5.94 -10.15
CA ARG A 224 15.27 -4.70 -10.85
C ARG A 224 14.40 -4.56 -12.11
N LYS A 225 13.08 -4.60 -11.89
CA LYS A 225 12.12 -4.57 -12.99
C LYS A 225 10.91 -3.75 -12.58
N GLU A 226 10.90 -2.47 -12.99
CA GLU A 226 9.89 -1.52 -12.52
C GLU A 226 8.99 -1.00 -13.63
N PRO A 227 7.67 -1.26 -13.55
CA PRO A 227 7.01 -2.12 -12.56
C PRO A 227 7.12 -3.58 -12.94
N PHE A 228 6.93 -4.48 -11.99
CA PHE A 228 7.06 -5.90 -12.29
C PHE A 228 5.94 -6.38 -13.23
N PHE A 229 4.70 -5.99 -12.92
CA PHE A 229 3.54 -6.29 -13.76
C PHE A 229 3.12 -5.04 -14.52
N TYR A 230 3.49 -4.95 -15.80
CA TYR A 230 3.36 -3.71 -16.55
C TYR A 230 2.18 -3.76 -17.52
N GLY A 231 0.96 -3.63 -16.99
CA GLY A 231 -0.22 -3.66 -17.82
C GLY A 231 -0.49 -2.30 -18.42
N HIS A 232 -1.09 -2.28 -19.62
CA HIS A 232 -1.40 -1.02 -20.29
C HIS A 232 -2.81 -0.53 -19.98
N ASP A 233 -3.58 -1.36 -19.29
CA ASP A 233 -4.85 -0.96 -18.71
C ASP A 233 -5.25 -2.02 -17.71
N ASN A 234 -6.44 -1.91 -17.13
CA ASN A 234 -6.85 -2.81 -16.06
C ASN A 234 -7.05 -4.24 -16.55
N GLN A 235 -7.51 -4.40 -17.78
CA GLN A 235 -7.66 -5.75 -18.32
C GLN A 235 -6.29 -6.33 -18.63
N ASP A 236 -5.45 -5.54 -19.29
CA ASP A 236 -4.10 -6.00 -19.60
C ASP A 236 -3.32 -6.31 -18.32
N GLN A 237 -3.65 -5.60 -17.23
CA GLN A 237 -2.95 -5.82 -15.96
C GLN A 237 -3.13 -7.26 -15.51
N LEU A 238 -4.33 -7.79 -15.66
CA LEU A 238 -4.59 -9.18 -15.30
C LEU A 238 -3.82 -10.13 -16.21
N VAL A 239 -3.83 -9.82 -17.51
CA VAL A 239 -3.09 -10.61 -18.47
C VAL A 239 -1.61 -10.69 -18.09
N LYS A 240 -1.05 -9.54 -17.74
CA LYS A 240 0.36 -9.50 -17.34
C LYS A 240 0.63 -10.38 -16.12
N ILE A 241 -0.33 -10.43 -15.20
CA ILE A 241 -0.20 -11.29 -14.02
C ILE A 241 -0.36 -12.76 -14.40
N ALA A 242 -1.35 -13.04 -15.23
CA ALA A 242 -1.59 -14.43 -15.66
C ALA A 242 -0.43 -15.03 -16.46
N LYS A 243 0.32 -14.19 -17.16
CA LYS A 243 1.47 -14.68 -17.92
C LYS A 243 2.63 -15.06 -17.01
N VAL A 244 2.50 -14.76 -15.72
CA VAL A 244 3.53 -15.13 -14.74
C VAL A 244 3.02 -16.16 -13.75
N LEU A 245 1.89 -15.86 -13.11
CA LEU A 245 1.30 -16.81 -12.16
C LEU A 245 0.67 -18.01 -12.88
N GLY A 246 0.32 -17.83 -14.15
CA GLY A 246 -0.32 -18.90 -14.92
C GLY A 246 -1.83 -18.90 -14.74
N THR A 247 -2.55 -19.60 -15.62
CA THR A 247 -4.02 -19.50 -15.62
C THR A 247 -4.72 -20.62 -14.87
N ASP A 248 -4.01 -21.70 -14.55
CA ASP A 248 -4.59 -22.77 -13.74
C ASP A 248 -4.95 -22.24 -12.36
N GLU A 249 -3.99 -21.56 -11.73
CA GLU A 249 -4.23 -20.97 -10.43
C GLU A 249 -5.31 -19.90 -10.52
N LEU A 250 -5.35 -19.20 -11.65
CA LEU A 250 -6.40 -18.21 -11.87
C LEU A 250 -7.78 -18.88 -11.92
N ASN A 251 -7.90 -19.97 -12.65
CA ASN A 251 -9.17 -20.69 -12.76
C ASN A 251 -9.68 -21.22 -11.42
N ALA A 252 -8.78 -21.79 -10.63
CA ALA A 252 -9.12 -22.30 -9.31
C ALA A 252 -9.64 -21.18 -8.41
N TYR A 253 -8.97 -20.05 -8.45
CA TYR A 253 -9.35 -18.87 -7.68
C TYR A 253 -10.73 -18.34 -8.09
N LEU A 254 -10.98 -18.26 -9.41
CA LEU A 254 -12.30 -17.82 -9.90
C LEU A 254 -13.38 -18.81 -9.47
N ASN A 255 -13.05 -20.09 -9.50
CA ASN A 255 -14.00 -21.12 -9.11
C ASN A 255 -14.34 -21.01 -7.63
N LYS A 256 -13.30 -20.82 -6.81
CA LYS A 256 -13.48 -20.75 -5.36
C LYS A 256 -14.46 -19.65 -4.97
N TYR A 257 -14.35 -18.48 -5.59
CA TYR A 257 -15.20 -17.36 -5.24
C TYR A 257 -16.38 -17.16 -6.20
N GLN A 258 -16.66 -18.17 -7.02
CA GLN A 258 -17.80 -18.16 -7.93
C GLN A 258 -17.78 -16.93 -8.85
N LEU A 259 -16.59 -16.61 -9.33
CA LEU A 259 -16.39 -15.49 -10.24
C LEU A 259 -16.41 -15.94 -11.70
N GLU A 260 -16.89 -15.07 -12.57
CA GLU A 260 -16.77 -15.30 -14.02
C GLU A 260 -16.15 -14.09 -14.72
N LEU A 261 -15.11 -14.33 -15.51
CA LEU A 261 -14.57 -13.27 -16.33
C LEU A 261 -15.50 -13.02 -17.51
N ASP A 262 -15.74 -11.75 -17.84
CA ASP A 262 -16.48 -11.46 -19.07
C ASP A 262 -15.67 -11.96 -20.26
N PRO A 263 -16.37 -12.30 -21.36
CA PRO A 263 -15.73 -12.98 -22.50
C PRO A 263 -14.58 -12.17 -23.11
N GLN A 264 -14.68 -10.85 -23.10
CA GLN A 264 -13.65 -10.04 -23.73
C GLN A 264 -12.37 -10.11 -22.90
N LEU A 265 -12.52 -10.18 -21.58
CA LEU A 265 -11.36 -10.35 -20.70
C LEU A 265 -10.83 -11.78 -20.80
N GLU A 266 -11.75 -12.74 -20.89
CA GLU A 266 -11.34 -14.14 -20.99
C GLU A 266 -10.48 -14.40 -22.24
N ALA A 267 -10.86 -13.82 -23.37
CA ALA A 267 -10.07 -13.94 -24.60
C ALA A 267 -8.65 -13.37 -24.42
N LEU A 268 -8.53 -12.28 -23.68
CA LEU A 268 -7.23 -11.65 -23.47
C LEU A 268 -6.35 -12.48 -22.53
N VAL A 269 -6.95 -13.00 -21.45
CA VAL A 269 -6.17 -13.77 -20.48
C VAL A 269 -5.62 -15.05 -21.12
N GLY A 270 -6.42 -15.70 -21.96
CA GLY A 270 -6.01 -16.91 -22.64
C GLY A 270 -5.55 -18.00 -21.69
N ARG A 271 -4.54 -18.74 -22.12
CA ARG A 271 -3.98 -19.85 -21.34
C ARG A 271 -2.47 -19.70 -21.21
N HIS A 272 -1.95 -19.81 -20.00
CA HIS A 272 -0.51 -19.68 -19.78
C HIS A 272 -0.03 -20.59 -18.67
N SER A 273 1.15 -21.17 -18.87
CA SER A 273 1.81 -21.94 -17.83
C SER A 273 2.43 -21.00 -16.82
N ARG A 274 2.67 -21.49 -15.62
CA ARG A 274 3.34 -20.70 -14.59
CA ARG A 274 3.34 -20.71 -14.59
C ARG A 274 4.80 -20.46 -14.98
N LYS A 275 5.26 -19.25 -14.78
CA LYS A 275 6.67 -18.95 -15.02
C LYS A 275 7.38 -18.91 -13.68
N PRO A 276 8.30 -19.85 -13.44
CA PRO A 276 9.03 -19.89 -12.18
C PRO A 276 9.74 -18.57 -11.88
N TRP A 277 9.75 -18.17 -10.61
CA TRP A 277 10.35 -16.90 -10.20
C TRP A 277 11.83 -16.82 -10.61
N SER A 278 12.48 -17.97 -10.72
CA SER A 278 13.89 -18.02 -11.07
C SER A 278 14.14 -17.51 -12.49
N LYS A 279 13.13 -17.59 -13.34
CA LYS A 279 13.27 -17.13 -14.73
C LYS A 279 13.50 -15.62 -14.83
N PHE A 280 13.34 -14.91 -13.72
CA PHE A 280 13.52 -13.45 -13.72
C PHE A 280 14.88 -13.05 -13.18
N ILE A 281 15.65 -14.04 -12.73
CA ILE A 281 17.01 -13.80 -12.29
C ILE A 281 17.92 -13.57 -13.48
N ASN A 282 18.77 -12.55 -13.40
CA ASN A 282 19.81 -12.33 -14.39
C ASN A 282 21.09 -11.85 -13.70
N ALA A 283 22.12 -11.58 -14.49
CA ALA A 283 23.41 -11.16 -13.96
C ALA A 283 23.30 -9.88 -13.13
N ASP A 284 22.48 -8.94 -13.61
CA ASP A 284 22.37 -7.65 -12.94
C ASP A 284 21.64 -7.70 -11.59
N ASN A 285 20.72 -8.65 -11.40
CA ASN A 285 19.94 -8.67 -10.17
C ASN A 285 20.23 -9.84 -9.23
N GLN A 286 21.12 -10.75 -9.64
CA GLN A 286 21.32 -12.01 -8.92
C GLN A 286 21.73 -11.82 -7.46
N HIS A 287 22.40 -10.72 -7.15
CA HIS A 287 22.86 -10.44 -5.78
C HIS A 287 21.70 -10.10 -4.84
N LEU A 288 20.54 -9.78 -5.41
CA LEU A 288 19.38 -9.39 -4.63
C LEU A 288 18.40 -10.53 -4.45
N VAL A 289 18.65 -11.62 -5.17
CA VAL A 289 17.74 -12.76 -5.16
C VAL A 289 18.36 -13.95 -4.45
N SER A 290 17.57 -14.58 -3.61
CA SER A 290 17.98 -15.76 -2.86
C SER A 290 16.77 -16.67 -2.71
N PRO A 291 17.00 -17.92 -2.30
CA PRO A 291 15.89 -18.86 -2.10
C PRO A 291 14.85 -18.32 -1.13
N GLU A 292 15.29 -17.54 -0.13
CA GLU A 292 14.38 -17.02 0.87
C GLU A 292 13.60 -15.82 0.35
N ALA A 293 14.24 -15.02 -0.51
CA ALA A 293 13.55 -13.90 -1.14
C ALA A 293 12.44 -14.40 -2.08
N ILE A 294 12.73 -15.46 -2.82
CA ILE A 294 11.77 -16.03 -3.75
C ILE A 294 10.60 -16.71 -3.02
N ASP A 295 10.90 -17.42 -1.95
CA ASP A 295 9.87 -18.06 -1.15
C ASP A 295 8.93 -17.01 -0.54
N PHE A 296 9.52 -15.94 0.00
CA PHE A 296 8.76 -14.84 0.56
C PHE A 296 7.85 -14.19 -0.50
N LEU A 297 8.44 -13.81 -1.64
CA LEU A 297 7.68 -13.23 -2.73
C LEU A 297 6.56 -14.15 -3.19
N ASP A 298 6.85 -15.45 -3.25
CA ASP A 298 5.86 -16.41 -3.75
C ASP A 298 4.66 -16.52 -2.83
N LYS A 299 4.88 -16.22 -1.55
CA LYS A 299 3.81 -16.30 -0.55
C LYS A 299 3.00 -15.00 -0.47
N LEU A 300 3.50 -13.95 -1.12
CA LEU A 300 2.73 -12.71 -1.25
C LEU A 300 1.88 -12.71 -2.51
N LEU A 301 2.51 -13.07 -3.62
CA LEU A 301 1.87 -13.01 -4.93
C LEU A 301 1.04 -14.27 -5.22
N ARG A 302 -0.09 -14.38 -4.52
CA ARG A 302 -1.08 -15.43 -4.78
C ARG A 302 -2.37 -14.81 -5.29
N TYR A 303 -3.03 -15.46 -6.25
CA TYR A 303 -4.34 -14.98 -6.70
C TYR A 303 -5.31 -14.86 -5.51
N ASP A 304 -5.41 -15.94 -4.75
CA ASP A 304 -6.30 -16.02 -3.58
C ASP A 304 -5.82 -15.14 -2.44
N HIS A 305 -6.50 -14.03 -2.22
CA HIS A 305 -6.12 -13.10 -1.16
C HIS A 305 -6.04 -13.79 0.21
N GLN A 306 -6.86 -14.81 0.43
CA GLN A 306 -6.86 -15.52 1.70
CA GLN A 306 -6.86 -15.54 1.69
C GLN A 306 -5.57 -16.32 1.90
N ASP A 307 -4.86 -16.61 0.81
CA ASP A 307 -3.68 -17.46 0.87
CA ASP A 307 -3.67 -17.46 0.84
C ASP A 307 -2.37 -16.67 0.98
N ARG A 308 -2.46 -15.35 0.92
CA ARG A 308 -1.28 -14.49 1.06
C ARG A 308 -0.86 -14.37 2.51
N LEU A 309 0.44 -14.20 2.74
CA LEU A 309 0.93 -13.88 4.07
C LEU A 309 0.25 -12.63 4.59
N THR A 310 -0.02 -12.60 5.90
CA THR A 310 -0.44 -11.37 6.56
C THR A 310 0.83 -10.57 6.83
N ALA A 311 0.67 -9.30 7.21
CA ALA A 311 1.83 -8.46 7.53
C ALA A 311 2.68 -9.10 8.63
N LYS A 312 2.00 -9.61 9.66
CA LYS A 312 2.65 -10.25 10.80
C LYS A 312 3.38 -11.53 10.40
N GLU A 313 2.75 -12.35 9.56
CA GLU A 313 3.37 -13.58 9.07
C GLU A 313 4.59 -13.22 8.21
N ALA A 314 4.44 -12.17 7.40
CA ALA A 314 5.53 -11.71 6.54
C ALA A 314 6.74 -11.27 7.36
N MET A 315 6.52 -10.61 8.48
CA MET A 315 7.64 -10.13 9.28
CA MET A 315 7.62 -10.13 9.33
C MET A 315 8.37 -11.31 9.96
N ALA A 316 7.66 -12.41 10.14
CA ALA A 316 8.22 -13.61 10.75
C ALA A 316 9.01 -14.49 9.76
N HIS A 317 8.95 -14.17 8.47
CA HIS A 317 9.59 -14.99 7.45
C HIS A 317 11.12 -14.98 7.58
N ALA A 318 11.74 -16.09 7.20
CA ALA A 318 13.19 -16.27 7.32
C ALA A 318 13.99 -15.20 6.56
N TYR A 319 13.39 -14.62 5.53
CA TYR A 319 14.02 -13.56 4.75
C TYR A 319 14.42 -12.37 5.63
N PHE A 320 13.73 -12.19 6.75
CA PHE A 320 13.97 -11.06 7.64
C PHE A 320 14.69 -11.47 8.93
N ALA A 321 15.31 -12.65 8.91
CA ALA A 321 15.97 -13.20 10.09
C ALA A 321 17.02 -12.25 10.65
N GLN A 322 17.93 -11.81 9.81
CA GLN A 322 19.00 -10.90 10.21
C GLN A 322 18.43 -9.56 10.71
N VAL A 323 17.43 -9.03 10.02
CA VAL A 323 16.83 -7.76 10.39
C VAL A 323 16.14 -7.83 11.75
N ARG A 324 15.45 -8.95 12.02
CA ARG A 324 14.80 -9.14 13.32
C ARG A 324 15.82 -9.21 14.45
N ALA A 325 16.91 -9.93 14.20
CA ALA A 325 17.97 -10.09 15.19
C ALA A 325 18.72 -8.78 15.42
N ALA A 326 18.97 -8.06 14.33
CA ALA A 326 19.70 -6.80 14.40
C ALA A 326 18.85 -5.70 15.03
N GLU A 327 17.54 -5.92 15.06
CA GLU A 327 16.63 -4.93 15.62
C GLU A 327 16.54 -5.02 17.14
N THR A 328 16.64 -6.24 17.66
CA THR A 328 16.52 -6.51 19.09
C THR A 328 17.39 -5.58 19.94
N SER A 329 18.55 -5.23 19.41
CA SER A 329 19.44 -4.31 20.10
C SER A 329 19.36 -2.92 19.48
C TRS B . -18.67 -13.82 -3.24
C1 TRS B . -17.21 -13.94 -2.82
C2 TRS B . -18.73 -13.49 -4.74
C3 TRS B . -19.45 -15.09 -2.89
N TRS B . -19.27 -12.71 -2.48
O1 TRS B . -16.47 -12.89 -3.40
O2 TRS B . -20.03 -13.63 -5.26
O3 TRS B . -18.92 -16.24 -3.52
H11 TRS B . -16.81 -14.90 -3.17
H12 TRS B . -17.13 -13.91 -1.74
H21 TRS B . -18.06 -14.16 -5.28
H22 TRS B . -18.38 -12.47 -4.89
H31 TRS B . -20.48 -14.97 -3.18
H32 TRS B . -19.43 -15.24 -1.81
HN1 TRS B . -20.26 -12.56 -2.68
HN2 TRS B . -18.71 -11.86 -2.48
HN3 TRS B . -19.26 -13.04 -1.52
HO1 TRS B . -15.54 -12.96 -3.13
HO2 TRS B . -20.03 -13.41 -6.22
HO3 TRS B . -18.14 -15.99 -4.07
S SO4 C . -8.13 3.01 -12.08
O1 SO4 C . -7.84 2.55 -10.72
O2 SO4 C . -6.94 3.65 -12.64
O3 SO4 C . -9.24 3.96 -12.03
O4 SO4 C . -8.51 1.88 -12.90
S SO4 D . -18.28 22.66 7.01
O1 SO4 D . -16.91 22.83 6.55
O2 SO4 D . -18.82 23.94 7.44
O3 SO4 D . -18.30 21.72 8.13
O4 SO4 D . -19.09 22.13 5.91
#